data_9MRC
#
_entry.id   9MRC
#
_cell.length_a   84.290
_cell.length_b   96.930
_cell.length_c   65.750
_cell.angle_alpha   90.000
_cell.angle_beta   90.000
_cell.angle_gamma   90.000
#
_symmetry.space_group_name_H-M   'C 2 2 21'
#
loop_
_entity.id
_entity.type
_entity.pdbx_description
1 polymer 'exodeoxyribonuclease III'
2 water water
#
_entity_poly.entity_id   1
_entity_poly.type   'polypeptide(L)'
_entity_poly.pdbx_seq_one_letter_code
;MISEEETLVFFDLETTGLDTSRCDIVQLSAISGAQVFSVYLLPRCCITEGASQVTGLWVDGSTLMLRERPVQTVPHQQAL
TGFIRFLQNQTFGRPILVGHNSRRFDWPILRRVLEEFGLLQEFRSCASECVDTLSLSREMFRNALQKFSQPFLVQHFLQQ
EYRAHDASEDVRTLQELYRVWRPSLELRDNHTFRL
;
_entity_poly.pdbx_strand_id   A
#
# COMPACT_ATOMS: atom_id res chain seq x y z
N SER A 3 -0.97 -1.21 24.30
CA SER A 3 -1.28 -2.60 23.99
C SER A 3 -0.16 -3.23 23.17
N GLU A 4 0.14 -4.48 23.50
CA GLU A 4 1.16 -5.25 22.80
C GLU A 4 0.56 -6.23 21.80
N GLU A 5 -0.76 -6.20 21.61
CA GLU A 5 -1.40 -7.12 20.69
C GLU A 5 -1.24 -6.63 19.25
N GLU A 6 -1.29 -7.59 18.35
CA GLU A 6 -1.03 -7.31 16.95
C GLU A 6 -2.14 -6.47 16.33
N THR A 7 -1.73 -5.53 15.49
CA THR A 7 -2.64 -4.78 14.65
C THR A 7 -2.22 -4.96 13.20
N LEU A 8 -3.20 -5.18 12.34
CA LEU A 8 -2.97 -5.27 10.91
C LEU A 8 -3.06 -3.88 10.28
N VAL A 9 -2.06 -3.53 9.47
CA VAL A 9 -2.07 -2.26 8.74
C VAL A 9 -2.05 -2.58 7.26
N PHE A 10 -3.17 -2.37 6.58
CA PHE A 10 -3.27 -2.57 5.14
C PHE A 10 -2.75 -1.30 4.46
N PHE A 11 -1.80 -1.46 3.54
CA PHE A 11 -1.19 -0.28 2.90
C PHE A 11 -1.14 -0.51 1.40
N ASP A 12 -1.03 0.60 0.68
CA ASP A 12 -1.05 0.59 -0.77
C ASP A 12 -0.41 1.87 -1.26
N LEU A 13 0.13 1.79 -2.46
CA LEU A 13 0.76 2.91 -3.15
C LEU A 13 0.07 3.14 -4.47
N GLU A 14 0.03 4.38 -4.92
CA GLU A 14 -0.09 4.69 -6.32
C GLU A 14 1.24 5.28 -6.76
N THR A 15 1.67 4.92 -7.95
CA THR A 15 3.04 5.20 -8.38
C THR A 15 3.05 5.79 -9.78
N THR A 16 4.22 6.26 -10.20
CA THR A 16 4.34 6.91 -11.50
C THR A 16 4.46 5.93 -12.65
N GLY A 17 4.73 4.67 -12.36
CA GLY A 17 4.90 3.68 -13.39
C GLY A 17 5.15 2.32 -12.77
N LEU A 18 5.61 1.41 -13.60
CA LEU A 18 5.71 0.01 -13.19
C LEU A 18 7.12 -0.46 -12.87
N ASP A 19 8.14 0.40 -12.96
CA ASP A 19 9.52 -0.01 -12.74
C ASP A 19 9.82 0.17 -11.25
N THR A 20 9.89 -0.94 -10.52
CA THR A 20 10.03 -0.83 -9.06
C THR A 20 11.34 -0.22 -8.64
N SER A 21 12.35 -0.20 -9.53
CA SER A 21 13.63 0.38 -9.19
C SER A 21 13.68 1.89 -9.45
N ARG A 22 12.63 2.44 -10.06
CA ARG A 22 12.67 3.83 -10.47
C ARG A 22 11.44 4.67 -10.14
N CYS A 23 10.26 4.07 -10.11
CA CYS A 23 9.03 4.85 -10.05
C CYS A 23 8.97 5.60 -8.73
N ASP A 24 8.31 6.75 -8.75
CA ASP A 24 8.07 7.51 -7.54
C ASP A 24 6.66 7.19 -7.02
N ILE A 25 6.46 7.51 -5.76
CA ILE A 25 5.17 7.34 -5.10
C ILE A 25 4.34 8.61 -5.29
N VAL A 26 3.09 8.45 -5.73
CA VAL A 26 2.18 9.59 -5.84
C VAL A 26 1.10 9.53 -4.78
N GLN A 27 0.81 8.36 -4.23
CA GLN A 27 -0.17 8.23 -3.15
C GLN A 27 0.29 7.12 -2.23
N LEU A 28 0.19 7.39 -0.93
CA LEU A 28 0.62 6.46 0.10
C LEU A 28 -0.54 6.38 1.08
N SER A 29 -1.11 5.20 1.25
CA SER A 29 -2.33 5.07 2.04
C SER A 29 -2.26 3.82 2.90
N ALA A 30 -2.97 3.87 4.03
CA ALA A 30 -2.97 2.76 4.98
C ALA A 30 -4.25 2.86 5.80
N ILE A 31 -4.74 1.69 6.23
CA ILE A 31 -5.84 1.64 7.17
C ILE A 31 -5.54 0.54 8.19
N SER A 32 -5.86 0.82 9.45
CA SER A 32 -5.70 -0.16 10.51
C SER A 32 -6.94 -0.06 11.38
N GLY A 33 -7.82 -1.05 11.29
CA GLY A 33 -9.12 -0.88 11.94
C GLY A 33 -9.84 0.32 11.34
N ALA A 34 -10.16 1.30 12.17
CA ALA A 34 -10.84 2.51 11.70
C ALA A 34 -9.87 3.65 11.40
N GLN A 35 -8.58 3.48 11.71
CA GLN A 35 -7.60 4.55 11.57
C GLN A 35 -7.15 4.59 10.12
N VAL A 36 -7.13 5.80 9.54
CA VAL A 36 -6.78 5.94 8.12
C VAL A 36 -5.69 6.98 7.96
N PHE A 37 -4.68 6.63 7.15
CA PHE A 37 -3.59 7.50 6.71
C PHE A 37 -3.64 7.56 5.21
N SER A 38 -3.57 8.76 4.63
CA SER A 38 -3.54 8.81 3.17
C SER A 38 -3.02 10.15 2.74
N VAL A 39 -1.95 10.15 1.95
CA VAL A 39 -1.40 11.40 1.46
C VAL A 39 -1.03 11.24 0.00
N TYR A 40 -1.08 12.35 -0.69
CA TYR A 40 -0.58 12.48 -2.04
C TYR A 40 0.80 13.12 -2.01
N LEU A 41 1.62 12.78 -2.98
CA LEU A 41 2.96 13.33 -3.12
C LEU A 41 3.15 13.83 -4.55
N LEU A 42 3.93 14.89 -4.70
CA LEU A 42 4.24 15.39 -6.02
C LEU A 42 5.44 14.62 -6.53
N PRO A 43 5.31 13.88 -7.62
CA PRO A 43 6.42 13.01 -8.02
C PRO A 43 7.58 13.81 -8.58
N ARG A 44 8.76 13.20 -8.46
CA ARG A 44 10.01 13.74 -8.98
C ARG A 44 10.33 13.21 -10.35
N CYS A 45 9.39 12.51 -10.96
CA CYS A 45 9.56 11.99 -12.31
C CYS A 45 8.21 12.03 -12.99
N CYS A 46 8.23 11.69 -14.27
CA CYS A 46 7.01 11.74 -15.07
C CYS A 46 6.08 10.60 -14.69
N ILE A 47 4.79 10.91 -14.61
CA ILE A 47 3.76 9.89 -14.52
C ILE A 47 3.47 9.42 -15.93
N THR A 48 3.62 8.11 -16.16
CA THR A 48 3.38 7.57 -17.47
C THR A 48 1.92 7.73 -17.87
N GLU A 49 1.70 7.75 -19.19
CA GLU A 49 0.34 7.80 -19.69
C GLU A 49 -0.48 6.66 -19.15
N GLY A 50 0.10 5.45 -19.15
CA GLY A 50 -0.61 4.29 -18.61
C GLY A 50 -0.95 4.42 -17.14
N ALA A 51 -0.02 4.95 -16.34
CA ALA A 51 -0.33 5.17 -14.93
C ALA A 51 -1.47 6.16 -14.77
N SER A 52 -1.47 7.23 -15.57
CA SER A 52 -2.56 8.19 -15.52
C SER A 52 -3.89 7.58 -15.94
N GLN A 53 -3.88 6.69 -16.94
CA GLN A 53 -5.13 6.06 -17.37
C GLN A 53 -5.71 5.22 -16.23
N VAL A 54 -4.84 4.56 -15.45
CA VAL A 54 -5.30 3.66 -14.40
C VAL A 54 -5.76 4.42 -13.15
N THR A 55 -5.01 5.46 -12.75
CA THR A 55 -5.30 6.14 -11.50
C THR A 55 -6.06 7.45 -11.67
N GLY A 56 -6.09 8.00 -12.88
CA GLY A 56 -6.58 9.33 -13.06
C GLY A 56 -5.64 10.43 -12.65
N LEU A 57 -4.47 10.09 -12.11
CA LEU A 57 -3.54 11.09 -11.59
C LEU A 57 -2.62 11.58 -12.69
N TRP A 58 -2.44 12.89 -12.75
CA TRP A 58 -1.53 13.50 -13.70
C TRP A 58 -1.03 14.79 -13.10
N VAL A 59 0.01 15.36 -13.70
CA VAL A 59 0.66 16.55 -13.19
C VAL A 59 0.50 17.67 -14.21
N ASP A 60 -0.02 18.79 -13.73
CA ASP A 60 -0.15 20.04 -14.51
C ASP A 60 0.88 20.97 -13.90
N GLY A 61 2.07 21.02 -14.51
CA GLY A 61 3.14 21.85 -13.99
C GLY A 61 3.66 21.36 -12.65
N SER A 62 3.29 22.05 -11.58
CA SER A 62 3.62 21.67 -10.22
C SER A 62 2.39 21.21 -9.45
N THR A 63 1.28 20.99 -10.14
CA THR A 63 0.01 20.71 -9.47
C THR A 63 -0.38 19.26 -9.75
N LEU A 64 -0.51 18.46 -8.70
CA LEU A 64 -1.00 17.11 -8.91
C LEU A 64 -2.53 17.17 -9.08
N MET A 65 -3.01 16.49 -10.10
CA MET A 65 -4.42 16.45 -10.43
C MET A 65 -4.96 15.03 -10.36
N LEU A 66 -6.15 14.90 -9.77
CA LEU A 66 -6.95 13.69 -9.88
C LEU A 66 -8.11 14.05 -10.81
N ARG A 67 -8.02 13.61 -12.05
CA ARG A 67 -8.99 13.93 -13.10
C ARG A 67 -9.08 15.43 -13.20
N GLU A 68 -10.24 16.05 -13.03
CA GLU A 68 -10.40 17.46 -13.25
C GLU A 68 -9.97 18.31 -12.07
N ARG A 69 -9.59 17.70 -10.95
CA ARG A 69 -9.45 18.41 -9.68
C ARG A 69 -8.03 18.35 -9.16
N PRO A 70 -7.45 19.49 -8.76
CA PRO A 70 -6.20 19.44 -8.00
C PRO A 70 -6.39 18.68 -6.70
N VAL A 71 -5.32 17.98 -6.27
CA VAL A 71 -5.27 17.41 -4.92
C VAL A 71 -4.09 18.06 -4.20
N GLN A 72 -4.17 18.13 -2.88
CA GLN A 72 -3.08 18.68 -2.10
C GLN A 72 -2.02 17.60 -1.88
N THR A 73 -0.76 17.97 -2.08
CA THR A 73 0.35 17.06 -1.85
C THR A 73 1.12 17.46 -0.60
N VAL A 74 1.91 16.52 -0.11
CA VAL A 74 2.76 16.67 1.08
C VAL A 74 4.17 16.39 0.61
N PRO A 75 5.19 17.15 1.03
CA PRO A 75 6.57 16.81 0.64
C PRO A 75 6.92 15.39 1.05
N HIS A 76 7.81 14.76 0.27
CA HIS A 76 8.17 13.37 0.53
C HIS A 76 8.63 13.16 1.97
N GLN A 77 9.50 14.01 2.47
CA GLN A 77 10.02 13.83 3.82
C GLN A 77 8.88 13.77 4.82
N GLN A 78 7.97 14.73 4.72
CA GLN A 78 6.88 14.81 5.67
C GLN A 78 5.89 13.68 5.46
N ALA A 79 5.70 13.26 4.20
CA ALA A 79 4.74 12.20 3.91
C ALA A 79 5.22 10.90 4.51
N LEU A 80 6.49 10.58 4.31
CA LEU A 80 7.04 9.34 4.82
C LEU A 80 7.12 9.37 6.34
N THR A 81 7.53 10.51 6.91
CA THR A 81 7.55 10.62 8.36
C THR A 81 6.14 10.46 8.94
N GLY A 82 5.13 11.01 8.26
CA GLY A 82 3.78 10.85 8.74
C GLY A 82 3.35 9.40 8.78
N PHE A 83 3.72 8.62 7.77
CA PHE A 83 3.37 7.21 7.79
C PHE A 83 4.08 6.48 8.92
N ILE A 84 5.36 6.81 9.17
CA ILE A 84 6.08 6.24 10.31
C ILE A 84 5.38 6.61 11.61
N ARG A 85 5.01 7.88 11.78
CA ARG A 85 4.35 8.28 13.02
C ARG A 85 3.02 7.56 13.18
N PHE A 86 2.29 7.35 12.07
CA PHE A 86 1.06 6.56 12.11
C PHE A 86 1.32 5.17 12.66
N LEU A 87 2.35 4.51 12.15
CA LEU A 87 2.67 3.16 12.61
C LEU A 87 3.15 3.15 14.07
N GLN A 88 3.80 4.23 14.50
CA GLN A 88 4.33 4.28 15.85
C GLN A 88 3.22 4.55 16.86
N ASN A 89 2.25 5.38 16.49
CA ASN A 89 1.39 6.00 17.49
C ASN A 89 -0.10 5.77 17.27
N GLN A 90 -0.53 5.36 16.08
CA GLN A 90 -1.94 5.48 15.74
C GLN A 90 -2.67 4.15 15.55
N THR A 91 -2.01 2.99 15.66
CA THR A 91 -2.73 1.73 15.44
C THR A 91 -3.18 1.04 16.73
N PHE A 92 -2.75 1.54 17.90
CA PHE A 92 -3.14 0.98 19.20
C PHE A 92 -2.82 -0.51 19.28
N GLY A 93 -1.62 -0.83 18.84
CA GLY A 93 -1.06 -2.15 19.00
C GLY A 93 0.28 -2.17 18.33
N ARG A 94 0.76 -3.37 18.05
CA ARG A 94 2.06 -3.59 17.44
C ARG A 94 1.81 -4.01 16.00
N PRO A 95 2.12 -3.15 15.03
CA PRO A 95 1.60 -3.39 13.68
C PRO A 95 2.39 -4.42 12.88
N ILE A 96 1.64 -5.06 12.01
CA ILE A 96 2.19 -5.86 10.91
C ILE A 96 1.54 -5.31 9.64
N LEU A 97 2.35 -5.14 8.61
CA LEU A 97 1.85 -4.60 7.36
C LEU A 97 1.19 -5.71 6.54
N VAL A 98 0.24 -5.30 5.71
CA VAL A 98 -0.45 -6.19 4.77
C VAL A 98 -0.66 -5.41 3.48
N GLY A 99 -0.26 -5.99 2.36
CA GLY A 99 -0.38 -5.31 1.09
C GLY A 99 -0.47 -6.31 -0.04
N HIS A 100 -1.27 -5.98 -1.04
CA HIS A 100 -1.44 -6.83 -2.21
C HIS A 100 -0.27 -6.66 -3.15
N ASN A 101 0.42 -7.75 -3.46
CA ASN A 101 1.62 -7.75 -4.29
C ASN A 101 2.74 -6.94 -3.64
N SER A 102 2.74 -6.92 -2.30
CA SER A 102 3.69 -6.11 -1.57
C SER A 102 5.12 -6.63 -1.69
N ARG A 103 5.32 -7.96 -1.78
CA ARG A 103 6.69 -8.46 -1.83
C ARG A 103 7.40 -8.02 -3.10
N ARG A 104 6.72 -8.11 -4.23
CA ARG A 104 7.34 -7.82 -5.53
CA ARG A 104 7.34 -7.82 -5.52
C ARG A 104 7.15 -6.39 -6.00
N PHE A 105 6.22 -5.64 -5.41
CA PHE A 105 5.97 -4.29 -5.94
C PHE A 105 5.99 -3.21 -4.86
N ASP A 106 4.98 -3.15 -3.99
CA ASP A 106 4.86 -2.01 -3.09
CA ASP A 106 4.88 -2.00 -3.10
C ASP A 106 6.03 -1.91 -2.11
N TRP A 107 6.46 -3.01 -1.50
CA TRP A 107 7.52 -2.87 -0.50
C TRP A 107 8.84 -2.50 -1.15
N PRO A 108 9.29 -3.15 -2.23
CA PRO A 108 10.51 -2.66 -2.90
C PRO A 108 10.49 -1.15 -3.21
N ILE A 109 9.34 -0.64 -3.65
CA ILE A 109 9.24 0.79 -3.96
C ILE A 109 9.33 1.61 -2.69
N LEU A 110 8.49 1.30 -1.70
CA LEU A 110 8.51 2.06 -0.46
C LEU A 110 9.87 1.98 0.22
N ARG A 111 10.50 0.81 0.18
CA ARG A 111 11.82 0.63 0.78
C ARG A 111 12.82 1.57 0.14
N ARG A 112 12.82 1.63 -1.20
CA ARG A 112 13.76 2.46 -1.94
C ARG A 112 13.55 3.93 -1.63
N VAL A 113 12.29 4.38 -1.59
CA VAL A 113 12.01 5.77 -1.32
C VAL A 113 12.37 6.13 0.11
N LEU A 114 12.02 5.28 1.07
CA LEU A 114 12.43 5.49 2.45
C LEU A 114 13.93 5.69 2.56
N GLU A 115 14.71 4.85 1.86
CA GLU A 115 16.17 4.95 1.94
C GLU A 115 16.68 6.26 1.36
N GLU A 116 16.03 6.77 0.31
CA GLU A 116 16.45 8.04 -0.27
C GLU A 116 16.40 9.14 0.78
N PHE A 117 15.44 9.05 1.70
CA PHE A 117 15.22 10.10 2.69
C PHE A 117 15.75 9.75 4.06
N GLY A 118 16.51 8.65 4.17
CA GLY A 118 17.15 8.30 5.40
C GLY A 118 16.21 7.79 6.46
N LEU A 119 15.06 7.24 6.06
CA LEU A 119 14.01 6.84 6.97
C LEU A 119 13.80 5.34 7.05
N LEU A 120 14.59 4.55 6.29
CA LEU A 120 14.32 3.12 6.26
C LEU A 120 14.46 2.46 7.63
N GLN A 121 15.52 2.78 8.36
CA GLN A 121 15.75 2.04 9.60
C GLN A 121 14.73 2.42 10.66
N GLU A 122 14.33 3.69 10.72
CA GLU A 122 13.25 4.07 11.61
C GLU A 122 11.97 3.33 11.24
N PHE A 123 11.65 3.27 9.94
CA PHE A 123 10.48 2.50 9.51
C PHE A 123 10.56 1.06 9.99
N ARG A 124 11.72 0.43 9.79
CA ARG A 124 11.85 -0.97 10.17
C ARG A 124 11.77 -1.15 11.67
N SER A 125 11.92 -0.07 12.43
CA SER A 125 11.77 -0.14 13.88
CA SER A 125 11.78 -0.17 13.88
C SER A 125 10.32 -0.09 14.33
N CYS A 126 9.39 0.27 13.46
CA CYS A 126 8.00 0.24 13.89
C CYS A 126 7.19 -0.85 13.26
N ALA A 127 7.74 -1.58 12.26
CA ALA A 127 7.10 -2.79 11.76
C ALA A 127 8.20 -3.71 11.23
N SER A 128 8.07 -5.00 11.51
CA SER A 128 9.11 -5.95 11.12
C SER A 128 8.69 -6.88 10.00
N GLU A 129 7.41 -6.98 9.71
CA GLU A 129 6.91 -8.01 8.79
C GLU A 129 5.81 -7.45 7.91
N CYS A 130 5.63 -8.13 6.78
CA CYS A 130 4.58 -7.76 5.83
C CYS A 130 3.96 -9.03 5.29
N VAL A 131 2.66 -9.00 5.14
CA VAL A 131 1.86 -10.10 4.58
C VAL A 131 1.50 -9.74 3.17
N ASP A 132 1.75 -10.66 2.22
CA ASP A 132 1.43 -10.39 0.83
C ASP A 132 0.13 -11.10 0.46
N THR A 133 -0.95 -10.32 0.30
CA THR A 133 -2.24 -10.92 0.03
C THR A 133 -2.38 -11.41 -1.41
N LEU A 134 -1.51 -10.99 -2.33
CA LEU A 134 -1.51 -11.59 -3.66
C LEU A 134 -1.14 -13.07 -3.61
N SER A 135 0.04 -13.40 -3.06
CA SER A 135 0.42 -14.80 -2.97
C SER A 135 -0.49 -15.56 -1.99
N LEU A 136 -0.99 -14.89 -0.96
CA LEU A 136 -1.92 -15.55 -0.05
C LEU A 136 -3.20 -15.95 -0.78
N SER A 137 -3.79 -15.01 -1.50
CA SER A 137 -5.03 -15.30 -2.22
C SER A 137 -4.81 -16.35 -3.28
N ARG A 138 -3.61 -16.38 -3.89
CA ARG A 138 -3.32 -17.41 -4.89
C ARG A 138 -3.27 -18.79 -4.25
N GLU A 139 -2.84 -18.89 -3.01
CA GLU A 139 -2.86 -20.16 -2.30
C GLU A 139 -4.27 -20.50 -1.89
N MET A 140 -4.97 -19.54 -1.26
CA MET A 140 -6.29 -19.82 -0.73
C MET A 140 -7.25 -20.21 -1.84
N PHE A 141 -7.11 -19.65 -3.02
CA PHE A 141 -8.00 -19.93 -4.15
C PHE A 141 -7.24 -20.56 -5.32
N ARG A 142 -6.24 -21.37 -5.00
CA ARG A 142 -5.28 -21.84 -6.00
C ARG A 142 -5.97 -22.43 -7.23
N ASN A 143 -6.76 -23.47 -7.04
CA ASN A 143 -7.36 -24.13 -8.19
C ASN A 143 -8.80 -23.68 -8.36
N ALA A 144 -9.07 -22.40 -8.05
CA ALA A 144 -10.43 -21.88 -7.96
C ALA A 144 -10.63 -20.61 -8.76
N LEU A 145 -9.78 -19.60 -8.57
CA LEU A 145 -9.89 -18.35 -9.30
C LEU A 145 -8.86 -18.28 -10.43
N GLN A 146 -9.27 -17.61 -11.50
CA GLN A 146 -8.43 -17.37 -12.66
C GLN A 146 -7.62 -16.08 -12.57
N LYS A 147 -8.03 -15.15 -11.70
CA LYS A 147 -7.42 -13.84 -11.62
C LYS A 147 -7.30 -13.44 -10.17
N PHE A 148 -6.31 -12.59 -9.87
CA PHE A 148 -6.00 -12.26 -8.48
C PHE A 148 -5.66 -10.79 -8.30
N SER A 149 -5.84 -9.97 -9.33
CA SER A 149 -5.67 -8.54 -9.16
C SER A 149 -6.73 -8.02 -8.19
N GLN A 150 -6.37 -6.99 -7.43
CA GLN A 150 -7.31 -6.52 -6.43
C GLN A 150 -8.64 -6.06 -7.03
N PRO A 151 -8.70 -5.34 -8.16
CA PRO A 151 -10.03 -4.99 -8.70
C PRO A 151 -10.88 -6.19 -9.02
N PHE A 152 -10.28 -7.22 -9.59
CA PHE A 152 -11.05 -8.45 -9.85
C PHE A 152 -11.57 -9.05 -8.56
N LEU A 153 -10.72 -9.09 -7.53
CA LEU A 153 -11.11 -9.73 -6.28
C LEU A 153 -12.21 -8.95 -5.57
N VAL A 154 -12.13 -7.62 -5.61
CA VAL A 154 -13.17 -6.77 -5.04
C VAL A 154 -14.49 -6.98 -5.76
N GLN A 155 -14.45 -7.08 -7.08
CA GLN A 155 -15.66 -7.35 -7.86
C GLN A 155 -16.24 -8.70 -7.49
N HIS A 156 -15.38 -9.70 -7.32
CA HIS A 156 -15.86 -11.05 -7.08
C HIS A 156 -16.38 -11.24 -5.66
N PHE A 157 -15.62 -10.77 -4.68
CA PHE A 157 -15.98 -11.07 -3.29
C PHE A 157 -16.85 -10.00 -2.62
N LEU A 158 -16.77 -8.76 -3.08
CA LEU A 158 -17.52 -7.68 -2.45
C LEU A 158 -18.59 -7.11 -3.37
N GLN A 159 -18.54 -7.45 -4.66
CA GLN A 159 -19.47 -6.95 -5.69
C GLN A 159 -19.46 -5.42 -5.74
N GLN A 160 -18.27 -4.88 -6.02
CA GLN A 160 -18.09 -3.43 -6.16
C GLN A 160 -17.14 -3.05 -7.30
N HIS A 165 -8.54 3.41 -9.30
CA HIS A 165 -7.39 3.00 -8.49
C HIS A 165 -6.97 4.15 -7.57
N ASP A 166 -7.62 4.22 -6.42
CA ASP A 166 -7.36 5.22 -5.39
C ASP A 166 -6.88 4.45 -4.17
N ALA A 167 -5.61 4.64 -3.76
CA ALA A 167 -5.08 3.82 -2.67
C ALA A 167 -5.90 3.95 -1.35
N SER A 168 -6.59 5.07 -1.10
CA SER A 168 -7.36 5.19 0.13
C SER A 168 -8.60 4.30 0.11
N GLU A 169 -9.24 4.19 -1.05
CA GLU A 169 -10.33 3.25 -1.21
C GLU A 169 -9.79 1.82 -1.23
N ASP A 170 -8.62 1.63 -1.85
CA ASP A 170 -8.13 0.28 -2.05
C ASP A 170 -7.63 -0.35 -0.75
N VAL A 171 -7.09 0.43 0.18
CA VAL A 171 -6.72 -0.21 1.44
C VAL A 171 -7.98 -0.63 2.19
N ARG A 172 -9.04 0.15 2.04
CA ARG A 172 -10.28 -0.19 2.73
C ARG A 172 -10.89 -1.48 2.17
N THR A 173 -10.96 -1.60 0.85
CA THR A 173 -11.49 -2.84 0.30
C THR A 173 -10.55 -4.03 0.55
N LEU A 174 -9.23 -3.81 0.63
CA LEU A 174 -8.35 -4.94 0.94
C LEU A 174 -8.57 -5.44 2.36
N GLN A 175 -8.75 -4.51 3.30
CA GLN A 175 -9.10 -4.89 4.66
C GLN A 175 -10.40 -5.66 4.71
N GLU A 176 -11.39 -5.26 3.89
CA GLU A 176 -12.66 -5.98 3.86
C GLU A 176 -12.49 -7.35 3.22
N LEU A 177 -11.74 -7.43 2.12
CA LEU A 177 -11.44 -8.73 1.52
C LEU A 177 -10.80 -9.67 2.53
N TYR A 178 -9.83 -9.16 3.29
CA TYR A 178 -9.12 -9.98 4.26
C TYR A 178 -10.08 -10.48 5.32
N ARG A 179 -11.02 -9.64 5.72
CA ARG A 179 -12.01 -10.04 6.71
C ARG A 179 -12.91 -11.14 6.15
N VAL A 180 -13.31 -11.03 4.88
CA VAL A 180 -14.16 -12.04 4.23
C VAL A 180 -13.42 -13.37 4.12
N TRP A 181 -12.15 -13.31 3.76
CA TRP A 181 -11.39 -14.52 3.54
C TRP A 181 -11.05 -15.23 4.83
N ARG A 182 -10.91 -14.47 5.93
CA ARG A 182 -10.58 -15.00 7.24
C ARG A 182 -9.39 -15.97 7.20
N PRO A 183 -8.24 -15.51 6.72
CA PRO A 183 -7.09 -16.42 6.59
C PRO A 183 -6.58 -16.86 7.94
N SER A 184 -6.28 -18.15 8.03
CA SER A 184 -5.71 -18.68 9.24
C SER A 184 -4.28 -18.17 9.41
N LEU A 185 -3.80 -18.23 10.65
CA LEU A 185 -2.42 -17.85 10.90
C LEU A 185 -1.45 -18.76 10.16
N GLU A 186 -1.79 -20.04 9.99
CA GLU A 186 -0.87 -20.94 9.30
C GLU A 186 -0.74 -20.56 7.83
N LEU A 187 -1.86 -20.18 7.21
CA LEU A 187 -1.79 -19.61 5.86
C LEU A 187 -1.05 -18.28 5.86
N ARG A 188 -1.39 -17.40 6.80
CA ARG A 188 -0.75 -16.10 6.81
C ARG A 188 0.77 -16.22 6.90
N ASP A 189 1.25 -17.12 7.75
CA ASP A 189 2.69 -17.28 7.93
C ASP A 189 3.37 -17.69 6.64
N ASN A 190 2.66 -18.40 5.78
CA ASN A 190 3.21 -18.79 4.51
C ASN A 190 3.48 -17.59 3.61
N HIS A 191 2.85 -16.43 3.91
CA HIS A 191 2.89 -15.27 3.03
C HIS A 191 3.35 -14.04 3.76
N THR A 192 4.12 -14.24 4.81
CA THR A 192 4.72 -13.17 5.58
C THR A 192 6.22 -13.10 5.30
N PHE A 193 6.71 -11.91 5.06
CA PHE A 193 8.14 -11.71 4.85
C PHE A 193 8.65 -10.60 5.74
N ARG A 194 9.96 -10.61 5.95
CA ARG A 194 10.57 -9.65 6.86
C ARG A 194 10.98 -8.41 6.10
N LEU A 195 10.75 -7.26 6.73
CA LEU A 195 11.15 -5.98 6.15
C LEU A 195 12.62 -5.66 6.43
#